data_8CDX
#
_entry.id   8CDX
#
_cell.length_a   62.270
_cell.length_b   70.980
_cell.length_c   121.580
_cell.angle_alpha   90.000
_cell.angle_beta   90.000
_cell.angle_gamma   90.000
#
_symmetry.space_group_name_H-M   'P 21 21 21'
#
loop_
_entity.id
_entity.type
_entity.pdbx_description
1 polymer 'Carbonic anhydrase 1'
2 non-polymer 'ZINC ION'
3 non-polymer 1-ethyl-3-(4-sulfamoylphenyl)urea
4 water water
#
_entity_poly.entity_id   1
_entity_poly.type   'polypeptide(L)'
_entity_poly.pdbx_seq_one_letter_code
;MASPDWGYDDKNGPEQWSKLYPIANGNNQSPVDIKTSETKHDTSLKPISVSYNPATAKEIINVGHSFHVNFEDNDNRSVL
KGGPFSDSYRLFQFHFHWGSTNEHGSEHTVDGVKYSAELHVAHWNSAKYSSLAEAASKADGLAVIGVLMKVGEANPKLQK
VLDALQAIKTKGKRAPFTNFDPSTLLPSSLDFWTYPGSLTHPPLYESVTWIICKESISVSSEQLAQFRSLLSNVEGDNAV
PMQHNNRPTQPLKGRTVRASF
;
_entity_poly.pdbx_strand_id   AAA,BBB
#
# COMPACT_ATOMS: atom_id res chain seq x y z
N ASP A 5 -18.31 3.01 13.60
CA ASP A 5 -18.66 3.85 14.75
C ASP A 5 -17.37 4.34 15.44
N TRP A 6 -16.75 3.49 16.28
CA TRP A 6 -15.41 3.78 16.83
C TRP A 6 -14.33 3.46 15.79
N GLY A 7 -13.18 4.09 15.95
CA GLY A 7 -12.02 3.80 15.11
C GLY A 7 -10.77 4.33 15.76
N TYR A 8 -9.83 4.76 14.91
CA TYR A 8 -8.54 5.30 15.39
C TYR A 8 -8.30 6.70 14.83
N ASP A 9 -9.27 7.30 14.13
CA ASP A 9 -9.24 8.69 13.59
C ASP A 9 -9.30 9.69 14.74
N ASP A 10 -9.08 10.98 14.44
CA ASP A 10 -9.18 12.01 15.49
C ASP A 10 -10.58 12.07 16.09
N LYS A 11 -11.63 11.83 15.31
CA LYS A 11 -13.01 11.98 15.82
C LYS A 11 -13.44 10.77 16.64
N ASN A 12 -13.00 9.57 16.26
CA ASN A 12 -13.64 8.35 16.81
C ASN A 12 -12.64 7.46 17.55
N GLY A 13 -11.44 7.98 17.82
CA GLY A 13 -10.30 7.18 18.21
C GLY A 13 -10.17 7.05 19.74
N PRO A 14 -9.04 6.51 20.23
CA PRO A 14 -8.85 6.23 21.64
C PRO A 14 -9.22 7.28 22.68
N GLU A 15 -8.94 8.55 22.42
CA GLU A 15 -9.09 9.57 23.48
C GLU A 15 -10.58 9.91 23.57
N GLN A 16 -11.40 9.39 22.62
CA GLN A 16 -12.87 9.63 22.59
C GLN A 16 -13.67 8.38 22.94
N TRP A 17 -13.06 7.22 22.98
CA TRP A 17 -13.82 5.98 23.22
C TRP A 17 -14.66 6.06 24.52
N SER A 18 -14.22 6.80 25.53
CA SER A 18 -14.92 6.81 26.84
C SER A 18 -16.34 7.35 26.68
N LYS A 19 -16.63 8.14 25.63
CA LYS A 19 -17.99 8.73 25.52
C LYS A 19 -19.02 7.59 25.34
N LEU A 20 -18.70 6.56 24.56
CA LEU A 20 -19.65 5.44 24.36
C LEU A 20 -19.24 4.22 25.20
N TYR A 21 -17.97 4.13 25.64
CA TYR A 21 -17.51 2.98 26.44
C TYR A 21 -16.84 3.49 27.68
N PRO A 22 -17.58 3.81 28.74
CA PRO A 22 -17.02 4.44 29.95
C PRO A 22 -15.95 3.58 30.62
N ILE A 23 -15.91 2.27 30.36
CA ILE A 23 -14.88 1.39 30.95
C ILE A 23 -13.51 1.78 30.39
N ALA A 24 -13.44 2.58 29.36
CA ALA A 24 -12.16 3.08 28.83
C ALA A 24 -11.35 3.75 29.94
N ASN A 25 -12.00 4.34 30.94
CA ASN A 25 -11.32 5.04 32.05
C ASN A 25 -11.32 4.14 33.31
N GLY A 26 -11.44 2.81 33.14
CA GLY A 26 -11.49 1.85 34.24
C GLY A 26 -10.15 1.55 34.89
N ASN A 27 -10.16 0.57 35.81
CA ASN A 27 -9.00 0.25 36.67
C ASN A 27 -8.19 -0.90 36.09
N ASN A 28 -8.66 -1.53 35.00
CA ASN A 28 -7.99 -2.73 34.41
C ASN A 28 -7.82 -2.54 32.90
N GLN A 29 -7.46 -1.37 32.47
CA GLN A 29 -7.36 -1.09 31.03
C GLN A 29 -5.99 -1.47 30.47
N SER A 30 -5.99 -1.87 29.22
CA SER A 30 -4.81 -2.29 28.45
C SER A 30 -4.67 -1.45 27.18
N PRO A 31 -3.48 -1.30 26.59
CA PRO A 31 -2.19 -1.81 27.11
C PRO A 31 -1.62 -0.94 28.22
N VAL A 32 -0.44 -1.36 28.68
CA VAL A 32 0.28 -0.68 29.76
C VAL A 32 1.75 -0.57 29.35
N ASP A 33 2.44 0.33 30.03
CA ASP A 33 3.93 0.39 30.04
C ASP A 33 4.40 -0.52 31.16
N ILE A 34 5.20 -1.49 30.80
CA ILE A 34 5.83 -2.44 31.75
C ILE A 34 7.11 -1.79 32.27
N LYS A 35 7.12 -1.29 33.49
CA LYS A 35 8.37 -0.79 34.11
C LYS A 35 9.09 -1.94 34.81
N THR A 36 10.25 -2.32 34.29
CA THR A 36 10.89 -3.58 34.76
C THR A 36 11.38 -3.48 36.19
N SER A 37 11.62 -2.26 36.68
CA SER A 37 12.07 -2.10 38.08
C SER A 37 10.89 -2.31 39.05
N GLU A 38 9.63 -2.36 38.56
CA GLU A 38 8.40 -2.44 39.38
C GLU A 38 7.72 -3.81 39.23
N THR A 39 8.23 -4.66 38.37
CA THR A 39 7.66 -6.01 38.21
C THR A 39 7.99 -6.88 39.41
N LYS A 40 7.14 -7.86 39.69
CA LYS A 40 7.39 -8.81 40.78
C LYS A 40 7.53 -10.20 40.19
N HIS A 41 8.66 -10.84 40.45
CA HIS A 41 8.93 -12.24 40.06
C HIS A 41 7.99 -13.09 40.87
N ASP A 42 7.32 -14.01 40.21
CA ASP A 42 6.40 -14.93 40.91
C ASP A 42 6.89 -16.34 40.64
N THR A 43 7.43 -16.97 41.68
CA THR A 43 7.92 -18.36 41.72
C THR A 43 6.83 -19.34 41.27
N SER A 44 5.52 -18.99 41.42
CA SER A 44 4.37 -19.91 41.20
C SER A 44 4.00 -19.97 39.69
N LEU A 45 4.46 -19.01 38.88
CA LEU A 45 4.18 -19.01 37.43
C LEU A 45 4.84 -20.21 36.76
N LYS A 46 4.01 -20.94 36.04
CA LYS A 46 4.46 -22.10 35.27
C LYS A 46 4.85 -21.63 33.89
N PRO A 47 5.61 -22.45 33.16
CA PRO A 47 5.88 -22.12 31.77
C PRO A 47 4.57 -22.10 30.99
N ILE A 48 4.53 -21.22 29.99
CA ILE A 48 3.46 -21.20 28.97
C ILE A 48 3.58 -22.44 28.15
N SER A 49 2.42 -23.10 27.93
CA SER A 49 2.28 -24.27 27.04
C SER A 49 1.31 -23.90 25.91
N VAL A 50 1.78 -23.82 24.69
CA VAL A 50 0.86 -23.72 23.54
C VAL A 50 0.94 -24.98 22.71
N SER A 51 -0.23 -25.40 22.26
CA SER A 51 -0.34 -26.58 21.42
C SER A 51 -1.46 -26.29 20.42
N TYR A 52 -1.10 -25.85 19.22
CA TYR A 52 -2.13 -25.49 18.22
C TYR A 52 -2.07 -26.44 17.05
N ASN A 53 -3.24 -26.79 16.56
CA ASN A 53 -3.42 -27.69 15.41
C ASN A 53 -3.63 -26.84 14.17
N PRO A 54 -2.76 -26.91 13.15
CA PRO A 54 -2.91 -26.06 11.95
C PRO A 54 -4.26 -26.21 11.24
N ALA A 55 -4.93 -27.34 11.42
CA ALA A 55 -6.22 -27.64 10.77
C ALA A 55 -7.31 -26.74 11.38
N THR A 56 -7.04 -26.08 12.51
CA THR A 56 -8.04 -25.16 13.08
C THR A 56 -8.04 -23.81 12.39
N ALA A 57 -7.03 -23.46 11.58
CA ALA A 57 -7.05 -22.16 10.90
C ALA A 57 -8.31 -22.13 10.00
N LYS A 58 -9.01 -20.99 10.02
CA LYS A 58 -10.29 -20.88 9.30
C LYS A 58 -10.30 -19.80 8.23
N GLU A 59 -10.09 -18.56 8.59
CA GLU A 59 -10.49 -17.43 7.74
C GLU A 59 -9.71 -16.18 8.10
N ILE A 60 -9.49 -15.34 7.13
CA ILE A 60 -8.89 -14.01 7.31
C ILE A 60 -9.88 -12.96 6.87
N ILE A 61 -10.09 -11.94 7.68
CA ILE A 61 -11.17 -10.95 7.52
C ILE A 61 -10.62 -9.56 7.63
N ASN A 62 -10.92 -8.68 6.68
CA ASN A 62 -10.69 -7.23 6.82
C ASN A 62 -11.79 -6.63 7.66
N VAL A 63 -11.49 -6.25 8.90
CA VAL A 63 -12.48 -5.74 9.85
C VAL A 63 -12.47 -4.20 9.89
N GLY A 64 -11.86 -3.57 8.88
CA GLY A 64 -11.95 -2.11 8.72
C GLY A 64 -10.87 -1.38 9.47
N HIS A 65 -10.68 -1.69 10.74
CA HIS A 65 -9.59 -1.07 11.52
C HIS A 65 -8.33 -1.93 11.53
N SER A 66 -8.47 -3.17 11.17
CA SER A 66 -7.43 -4.22 11.27
C SER A 66 -7.76 -5.37 10.36
N PHE A 67 -7.10 -6.49 10.49
CA PHE A 67 -7.51 -7.78 9.90
C PHE A 67 -7.39 -8.81 10.99
N HIS A 68 -8.26 -9.80 10.95
CA HIS A 68 -8.33 -10.86 11.96
C HIS A 68 -8.12 -12.19 11.26
N VAL A 69 -7.34 -13.07 11.82
CA VAL A 69 -7.17 -14.47 11.40
C VAL A 69 -7.89 -15.32 12.44
N ASN A 70 -8.98 -15.93 12.04
CA ASN A 70 -9.81 -16.70 12.97
C ASN A 70 -9.57 -18.20 12.85
N PHE A 71 -9.84 -18.89 13.94
CA PHE A 71 -9.65 -20.35 14.10
C PHE A 71 -10.98 -21.00 14.49
N GLU A 72 -11.18 -22.20 14.04
CA GLU A 72 -12.29 -23.02 14.55
C GLU A 72 -12.11 -23.25 16.03
N ASP A 73 -13.15 -23.01 16.82
CA ASP A 73 -13.06 -23.05 18.30
C ASP A 73 -14.17 -23.92 18.89
N ASN A 74 -14.55 -24.96 18.16
CA ASN A 74 -15.55 -25.91 18.66
C ASN A 74 -14.97 -26.96 19.60
N ASP A 75 -13.67 -27.11 19.68
CA ASP A 75 -13.08 -28.14 20.57
C ASP A 75 -11.69 -27.69 21.01
N ASN A 76 -10.98 -28.57 21.72
CA ASN A 76 -9.68 -28.20 22.32
C ASN A 76 -8.50 -28.67 21.46
N ARG A 77 -8.64 -28.64 20.13
CA ARG A 77 -7.49 -28.98 19.25
C ARG A 77 -6.36 -27.96 19.47
N SER A 78 -6.68 -26.70 19.77
CA SER A 78 -5.67 -25.62 19.84
C SER A 78 -5.84 -24.90 21.16
N VAL A 79 -4.88 -25.09 22.07
CA VAL A 79 -5.04 -24.60 23.45
C VAL A 79 -3.74 -23.97 23.98
N LEU A 80 -3.97 -23.07 24.92
CA LEU A 80 -2.96 -22.42 25.79
C LEU A 80 -3.21 -22.92 27.21
N LYS A 81 -2.13 -23.33 27.87
CA LYS A 81 -2.19 -23.73 29.28
C LYS A 81 -0.96 -23.15 29.99
N GLY A 82 -0.92 -23.34 31.30
CA GLY A 82 0.27 -22.96 32.06
C GLY A 82 0.32 -21.49 32.37
N GLY A 83 1.52 -20.98 32.57
CA GLY A 83 1.66 -19.59 33.02
C GLY A 83 0.90 -19.41 34.30
N PRO A 84 0.08 -18.35 34.40
CA PRO A 84 -0.72 -18.12 35.59
C PRO A 84 -2.03 -18.88 35.64
N PHE A 85 -2.32 -19.72 34.66
CA PHE A 85 -3.68 -20.29 34.50
C PHE A 85 -3.77 -21.68 35.11
N SER A 86 -4.93 -21.97 35.66
CA SER A 86 -5.34 -23.33 36.08
C SER A 86 -6.22 -23.95 34.99
N ASP A 87 -6.89 -23.12 34.20
CA ASP A 87 -7.83 -23.52 33.12
C ASP A 87 -7.08 -23.59 31.77
N SER A 88 -7.58 -24.43 30.86
CA SER A 88 -7.19 -24.50 29.43
C SER A 88 -7.94 -23.37 28.69
N TYR A 89 -7.25 -22.60 27.86
CA TYR A 89 -7.86 -21.56 27.01
C TYR A 89 -7.72 -21.95 25.53
N ARG A 90 -8.81 -21.77 24.80
CA ARG A 90 -8.95 -22.24 23.43
C ARG A 90 -8.61 -21.08 22.48
N LEU A 91 -7.68 -21.34 21.59
CA LEU A 91 -7.31 -20.35 20.55
C LEU A 91 -8.56 -19.96 19.75
N PHE A 92 -8.69 -18.68 19.45
CA PHE A 92 -9.77 -18.29 18.50
C PHE A 92 -9.31 -17.33 17.43
N GLN A 93 -8.22 -16.57 17.62
CA GLN A 93 -7.81 -15.53 16.64
C GLN A 93 -6.37 -15.11 16.89
N PHE A 94 -5.70 -14.65 15.83
CA PHE A 94 -4.58 -13.73 16.01
C PHE A 94 -4.74 -12.55 15.11
N HIS A 95 -4.10 -11.46 15.49
CA HIS A 95 -4.06 -10.20 14.74
C HIS A 95 -2.89 -9.36 15.15
N PHE A 96 -2.71 -8.23 14.50
CA PHE A 96 -1.61 -7.31 14.75
C PHE A 96 -2.11 -5.94 15.04
N HIS A 97 -1.25 -5.14 15.64
CA HIS A 97 -1.40 -3.70 15.71
C HIS A 97 -0.13 -3.12 15.13
N TRP A 98 -0.24 -1.94 14.54
CA TRP A 98 0.87 -1.21 13.96
C TRP A 98 0.56 0.29 14.05
N GLY A 99 1.59 1.08 13.77
CA GLY A 99 1.50 2.54 13.79
C GLY A 99 1.78 3.16 12.43
N SER A 100 1.71 4.50 12.43
CA SER A 100 1.82 5.26 11.16
C SER A 100 3.26 5.35 10.66
N THR A 101 4.23 5.16 11.55
CA THR A 101 5.62 4.97 11.10
C THR A 101 6.27 3.96 12.00
N ASN A 102 7.48 3.56 11.61
CA ASN A 102 8.23 2.51 12.36
C ASN A 102 8.42 2.87 13.86
N GLU A 103 8.42 4.15 14.22
CA GLU A 103 8.75 4.70 15.56
C GLU A 103 7.80 4.25 16.69
N HIS A 104 6.59 3.94 16.32
CA HIS A 104 5.53 3.55 17.25
CA HIS A 104 5.65 3.38 17.34
C HIS A 104 4.70 2.47 16.54
N GLY A 105 3.98 1.74 17.21
CA GLY A 105 3.02 0.85 16.59
C GLY A 105 2.65 -0.25 17.52
N SER A 106 3.51 -0.61 18.47
CA SER A 106 3.14 -1.57 19.51
C SER A 106 2.09 -0.91 20.40
N GLU A 107 1.37 -1.78 21.13
CA GLU A 107 0.43 -1.31 22.17
C GLU A 107 1.13 -1.26 23.52
N HIS A 108 1.59 -2.41 23.99
CA HIS A 108 2.45 -2.45 25.18
C HIS A 108 3.78 -1.76 24.85
N THR A 109 4.33 -1.18 25.92
CA THR A 109 5.71 -0.63 25.87
C THR A 109 6.46 -1.25 27.03
N VAL A 110 7.79 -1.23 26.92
CA VAL A 110 8.62 -1.77 28.01
C VAL A 110 9.65 -0.70 28.39
N ASP A 111 9.56 -0.23 29.62
CA ASP A 111 10.44 0.88 30.08
C ASP A 111 10.33 2.09 29.15
N GLY A 112 9.12 2.34 28.66
CA GLY A 112 8.82 3.48 27.80
C GLY A 112 9.17 3.31 26.35
N VAL A 113 9.75 2.17 25.99
CA VAL A 113 10.19 1.93 24.62
C VAL A 113 9.02 1.40 23.81
N LYS A 114 8.82 2.05 22.69
CA LYS A 114 7.76 1.78 21.69
C LYS A 114 8.35 0.89 20.61
N TYR A 115 7.73 -0.24 20.29
CA TYR A 115 8.13 -1.09 19.16
C TYR A 115 7.29 -0.74 17.95
N SER A 116 7.56 -1.42 16.84
CA SER A 116 6.97 -1.02 15.52
C SER A 116 5.61 -1.68 15.31
N ALA A 117 5.30 -2.75 16.00
CA ALA A 117 4.03 -3.48 15.85
C ALA A 117 3.90 -4.43 17.01
N GLU A 118 2.77 -5.12 17.11
CA GLU A 118 2.54 -6.11 18.17
C GLU A 118 1.62 -7.18 17.65
N LEU A 119 1.93 -8.42 17.91
CA LEU A 119 1.11 -9.62 17.61
C LEU A 119 0.31 -9.99 18.81
N HIS A 120 -0.96 -10.23 18.63
CA HIS A 120 -1.88 -10.70 19.68
C HIS A 120 -2.42 -12.05 19.29
N VAL A 121 -2.27 -13.04 20.13
CA VAL A 121 -2.83 -14.40 19.94
C VAL A 121 -3.87 -14.58 21.07
N ALA A 122 -5.13 -14.67 20.71
CA ALA A 122 -6.26 -14.58 21.64
C ALA A 122 -6.96 -15.93 21.82
N HIS A 123 -7.38 -16.15 23.06
CA HIS A 123 -7.97 -17.41 23.52
C HIS A 123 -9.10 -17.10 24.48
N TRP A 124 -10.01 -18.05 24.64
CA TRP A 124 -11.11 -17.94 25.62
C TRP A 124 -11.20 -19.19 26.51
N ASN A 125 -11.74 -18.96 27.73
CA ASN A 125 -11.72 -20.00 28.80
C ASN A 125 -12.84 -21.03 28.53
N SER A 126 -12.49 -22.12 27.90
CA SER A 126 -13.43 -23.22 27.56
C SER A 126 -13.61 -24.16 28.77
N ALA A 127 -12.82 -23.99 29.85
CA ALA A 127 -13.02 -24.83 31.05
C ALA A 127 -14.26 -24.30 31.78
N LYS A 128 -14.44 -22.97 31.80
CA LYS A 128 -15.55 -22.32 32.57
C LYS A 128 -16.73 -21.94 31.69
N TYR A 129 -16.50 -21.64 30.42
CA TYR A 129 -17.53 -21.03 29.55
C TYR A 129 -17.72 -21.91 28.35
N SER A 130 -18.85 -21.67 27.67
CA SER A 130 -19.28 -22.50 26.54
C SER A 130 -19.01 -21.82 25.19
N SER A 131 -18.69 -20.54 25.15
CA SER A 131 -18.51 -19.78 23.88
C SER A 131 -17.68 -18.55 24.12
N LEU A 132 -17.06 -18.05 23.04
CA LEU A 132 -16.41 -16.73 23.10
C LEU A 132 -17.39 -15.64 23.51
N ALA A 133 -18.61 -15.67 23.00
CA ALA A 133 -19.55 -14.61 23.37
C ALA A 133 -19.87 -14.63 24.89
N GLU A 134 -19.92 -15.80 25.53
CA GLU A 134 -20.09 -15.87 26.99
C GLU A 134 -18.83 -15.37 27.68
N ALA A 135 -17.68 -15.87 27.26
CA ALA A 135 -16.39 -15.65 27.94
C ALA A 135 -15.94 -14.18 27.88
N ALA A 136 -16.27 -13.48 26.82
CA ALA A 136 -15.58 -12.24 26.49
C ALA A 136 -15.78 -11.17 27.52
N SER A 137 -16.86 -11.23 28.32
CA SER A 137 -17.14 -10.15 29.30
C SER A 137 -16.79 -10.62 30.73
N LYS A 138 -16.23 -11.82 30.91
CA LYS A 138 -15.90 -12.37 32.24
C LYS A 138 -14.46 -12.06 32.64
N ALA A 139 -14.19 -11.79 33.90
CA ALA A 139 -12.82 -11.38 34.31
C ALA A 139 -11.79 -12.41 33.91
N ASP A 140 -12.14 -13.69 34.00
CA ASP A 140 -11.25 -14.83 33.68
C ASP A 140 -11.56 -15.38 32.29
N GLY A 141 -12.20 -14.59 31.43
CA GLY A 141 -12.73 -15.20 30.20
C GLY A 141 -11.73 -15.27 29.05
N LEU A 142 -10.80 -14.32 28.96
CA LEU A 142 -9.88 -14.25 27.79
C LEU A 142 -8.41 -14.28 28.21
N ALA A 143 -7.56 -14.82 27.35
CA ALA A 143 -6.11 -14.83 27.57
C ALA A 143 -5.48 -14.41 26.23
N VAL A 144 -4.67 -13.37 26.24
CA VAL A 144 -4.00 -12.92 25.01
C VAL A 144 -2.49 -12.90 25.24
N ILE A 145 -1.79 -13.56 24.34
CA ILE A 145 -0.33 -13.46 24.24
C ILE A 145 0.02 -12.30 23.35
N GLY A 146 0.81 -11.37 23.85
CA GLY A 146 1.34 -10.25 23.08
C GLY A 146 2.82 -10.44 22.83
N VAL A 147 3.24 -10.18 21.61
CA VAL A 147 4.63 -10.24 21.14
C VAL A 147 4.99 -8.91 20.55
N LEU A 148 5.99 -8.21 21.08
CA LEU A 148 6.48 -6.98 20.53
C LEU A 148 7.28 -7.26 19.28
N MET A 149 7.03 -6.44 18.25
CA MET A 149 7.67 -6.63 16.94
C MET A 149 8.61 -5.46 16.64
N LYS A 150 9.90 -5.81 16.58
CA LYS A 150 10.98 -4.82 16.45
C LYS A 150 11.39 -4.73 14.98
N VAL A 151 11.35 -3.50 14.47
CA VAL A 151 11.66 -3.31 13.02
C VAL A 151 13.14 -3.70 12.82
N GLY A 152 13.40 -4.44 11.77
CA GLY A 152 14.72 -4.93 11.42
C GLY A 152 14.65 -5.85 10.23
N GLU A 153 15.10 -7.06 10.33
CA GLU A 153 15.12 -8.02 9.22
C GLU A 153 13.69 -8.47 8.94
N ALA A 154 13.43 -8.76 7.68
CA ALA A 154 12.17 -9.39 7.25
C ALA A 154 11.98 -10.68 8.01
N ASN A 155 10.73 -10.91 8.44
CA ASN A 155 10.40 -12.15 9.21
C ASN A 155 9.71 -13.12 8.26
N PRO A 156 10.37 -14.21 7.82
CA PRO A 156 9.76 -15.11 6.84
C PRO A 156 8.52 -15.82 7.41
N LYS A 157 8.39 -15.89 8.75
CA LYS A 157 7.25 -16.60 9.38
C LYS A 157 5.92 -15.86 9.06
N LEU A 158 5.98 -14.58 8.73
CA LEU A 158 4.82 -13.81 8.35
C LEU A 158 4.36 -14.09 6.93
N GLN A 159 5.05 -14.91 6.11
CA GLN A 159 4.79 -14.92 4.66
C GLN A 159 3.33 -15.27 4.37
N LYS A 160 2.80 -16.34 4.91
CA LYS A 160 1.46 -16.76 4.52
C LYS A 160 0.49 -15.62 4.81
N VAL A 161 0.61 -14.99 5.98
CA VAL A 161 -0.28 -13.89 6.37
C VAL A 161 -0.16 -12.76 5.38
N LEU A 162 1.04 -12.32 5.05
CA LEU A 162 1.20 -11.17 4.15
C LEU A 162 0.69 -11.53 2.75
N ASP A 163 0.91 -12.73 2.27
CA ASP A 163 0.47 -13.15 0.92
C ASP A 163 -1.06 -13.15 0.88
N ALA A 164 -1.74 -13.31 2.02
CA ALA A 164 -3.22 -13.41 2.02
C ALA A 164 -3.87 -12.05 1.86
N LEU A 165 -3.19 -10.96 2.22
CA LEU A 165 -3.78 -9.62 2.33
C LEU A 165 -4.34 -9.14 0.98
N GLN A 166 -3.74 -9.53 -0.14
CA GLN A 166 -4.23 -9.01 -1.43
C GLN A 166 -5.68 -9.46 -1.70
N ALA A 167 -6.16 -10.53 -1.10
CA ALA A 167 -7.54 -10.99 -1.28
C ALA A 167 -8.50 -10.30 -0.33
N ILE A 168 -8.04 -9.54 0.64
CA ILE A 168 -8.96 -8.89 1.62
C ILE A 168 -8.65 -7.39 1.74
N LYS A 169 -8.43 -6.75 0.59
CA LYS A 169 -7.88 -5.38 0.59
C LYS A 169 -8.81 -4.41 1.29
N THR A 170 -10.15 -4.59 1.12
CA THR A 170 -11.14 -3.61 1.56
C THR A 170 -12.04 -4.23 2.65
N LYS A 171 -12.65 -3.31 3.38
CA LYS A 171 -13.46 -3.66 4.53
C LYS A 171 -14.50 -4.70 4.20
N GLY A 172 -14.57 -5.73 5.02
CA GLY A 172 -15.60 -6.79 4.87
C GLY A 172 -15.19 -7.97 4.05
N LYS A 173 -14.15 -7.82 3.21
CA LYS A 173 -13.65 -8.96 2.45
C LYS A 173 -13.13 -9.98 3.43
N ARG A 174 -13.26 -11.25 3.07
CA ARG A 174 -12.82 -12.38 3.84
C ARG A 174 -12.46 -13.51 2.91
N ALA A 175 -11.55 -14.35 3.35
CA ALA A 175 -11.09 -15.45 2.54
C ALA A 175 -10.74 -16.61 3.43
N PRO A 176 -10.79 -17.86 2.92
CA PRO A 176 -10.25 -18.97 3.68
C PRO A 176 -8.76 -18.76 3.96
N PHE A 177 -8.37 -19.20 5.14
CA PHE A 177 -7.00 -19.15 5.63
C PHE A 177 -6.80 -20.43 6.41
N THR A 178 -6.12 -21.40 5.79
CA THR A 178 -6.10 -22.76 6.37
C THR A 178 -4.66 -23.24 6.63
N ASN A 179 -4.60 -24.28 7.40
CA ASN A 179 -3.36 -25.08 7.57
C ASN A 179 -2.22 -24.20 8.09
N PHE A 180 -2.42 -23.56 9.22
CA PHE A 180 -1.44 -22.63 9.78
C PHE A 180 -1.48 -22.70 11.31
N ASP A 181 -0.28 -22.85 11.86
CA ASP A 181 -0.07 -22.92 13.33
C ASP A 181 0.60 -21.61 13.77
N PRO A 182 -0.10 -20.73 14.48
CA PRO A 182 0.46 -19.42 14.83
C PRO A 182 1.54 -19.48 15.93
N SER A 183 1.71 -20.62 16.55
CA SER A 183 2.86 -20.76 17.48
C SER A 183 4.18 -20.59 16.72
N THR A 184 4.19 -20.76 15.41
CA THR A 184 5.39 -20.51 14.58
C THR A 184 5.77 -19.03 14.60
N LEU A 185 4.89 -18.10 15.00
CA LEU A 185 5.14 -16.65 15.05
C LEU A 185 5.75 -16.25 16.39
N LEU A 186 5.68 -17.11 17.39
CA LEU A 186 6.14 -16.72 18.75
C LEU A 186 7.68 -16.76 18.85
N PRO A 187 8.26 -15.98 19.76
CA PRO A 187 9.70 -15.99 19.91
C PRO A 187 10.16 -17.31 20.53
N SER A 188 11.47 -17.57 20.48
CA SER A 188 12.11 -18.83 20.96
C SER A 188 11.89 -19.01 22.46
N SER A 189 12.12 -17.94 23.21
CA SER A 189 11.87 -17.89 24.66
C SER A 189 10.40 -17.49 24.85
N LEU A 190 9.73 -18.21 25.74
CA LEU A 190 8.40 -17.82 26.21
C LEU A 190 8.44 -17.22 27.63
N ASP A 191 9.57 -16.70 28.04
CA ASP A 191 9.63 -15.90 29.29
C ASP A 191 8.63 -14.74 29.15
N PHE A 192 7.91 -14.40 30.19
CA PHE A 192 6.78 -13.47 30.02
C PHE A 192 6.53 -12.63 31.25
N TRP A 193 5.82 -11.54 31.04
CA TRP A 193 5.11 -10.73 32.04
C TRP A 193 3.63 -11.08 31.97
N THR A 194 2.93 -10.97 33.08
CA THR A 194 1.48 -11.13 33.10
C THR A 194 0.85 -10.09 33.96
N TYR A 195 -0.30 -9.61 33.55
CA TYR A 195 -1.09 -8.67 34.38
C TYR A 195 -2.56 -8.76 33.96
N PRO A 196 -3.51 -8.41 34.86
CA PRO A 196 -4.92 -8.43 34.51
C PRO A 196 -5.30 -7.13 33.83
N GLY A 197 -5.93 -7.28 32.66
CA GLY A 197 -6.26 -6.13 31.84
C GLY A 197 -7.53 -6.26 31.04
N SER A 198 -7.49 -5.72 29.86
CA SER A 198 -8.68 -5.53 29.02
C SER A 198 -8.42 -5.78 27.55
N LEU A 199 -9.53 -5.86 26.81
CA LEU A 199 -9.39 -5.69 25.33
C LEU A 199 -8.86 -4.29 25.11
N THR A 200 -8.05 -4.11 24.06
CA THR A 200 -7.40 -2.83 23.83
C THR A 200 -8.19 -1.95 22.85
N HIS A 201 -9.37 -2.40 22.44
CA HIS A 201 -10.29 -1.52 21.68
C HIS A 201 -11.70 -1.89 22.10
N PRO A 202 -12.69 -1.06 21.71
CA PRO A 202 -14.06 -1.35 22.09
C PRO A 202 -14.44 -2.79 21.70
N PRO A 203 -15.16 -3.49 22.58
CA PRO A 203 -15.82 -2.94 23.78
C PRO A 203 -15.01 -2.79 25.08
N LEU A 204 -13.71 -3.02 25.04
CA LEU A 204 -12.76 -2.68 26.14
C LEU A 204 -13.05 -3.49 27.41
N TYR A 205 -13.73 -4.62 27.31
CA TYR A 205 -14.05 -5.42 28.50
C TYR A 205 -12.76 -5.77 29.26
N GLU A 206 -12.87 -5.72 30.58
CA GLU A 206 -11.75 -6.02 31.51
C GLU A 206 -11.75 -7.52 31.75
N SER A 207 -11.54 -8.29 30.71
CA SER A 207 -11.67 -9.73 30.69
C SER A 207 -10.40 -10.46 30.27
N VAL A 208 -9.30 -9.72 30.10
CA VAL A 208 -8.10 -10.34 29.50
C VAL A 208 -6.97 -10.50 30.53
N THR A 209 -6.47 -11.71 30.64
CA THR A 209 -5.19 -11.96 31.30
C THR A 209 -4.14 -11.87 30.20
N TRP A 210 -3.27 -10.88 30.34
CA TRP A 210 -2.22 -10.63 29.36
C TRP A 210 -0.99 -11.45 29.67
N ILE A 211 -0.40 -11.98 28.64
CA ILE A 211 0.92 -12.69 28.66
C ILE A 211 1.81 -11.96 27.65
N ILE A 212 2.71 -11.13 28.12
CA ILE A 212 3.58 -10.37 27.22
C ILE A 212 4.94 -11.05 27.19
N CYS A 213 5.40 -11.41 26.03
CA CYS A 213 6.70 -12.08 25.86
C CYS A 213 7.82 -11.04 26.06
N LYS A 214 8.88 -11.49 26.75
CA LYS A 214 10.05 -10.62 26.96
C LYS A 214 10.87 -10.47 25.66
N GLU A 215 10.95 -11.54 24.87
CA GLU A 215 11.74 -11.54 23.60
C GLU A 215 10.81 -10.95 22.50
N SER A 216 11.36 -10.05 21.70
CA SER A 216 10.67 -9.54 20.49
C SER A 216 10.86 -10.52 19.32
N ILE A 217 10.02 -10.30 18.31
CA ILE A 217 10.26 -10.92 16.99
C ILE A 217 10.48 -9.77 15.99
N SER A 218 11.06 -10.12 14.86
CA SER A 218 11.38 -9.07 13.86
CA SER A 218 11.39 -9.10 13.84
C SER A 218 10.21 -8.83 12.90
N VAL A 219 10.33 -7.71 12.22
CA VAL A 219 9.48 -7.38 11.07
C VAL A 219 10.30 -6.39 10.24
N SER A 220 10.17 -6.41 8.89
CA SER A 220 10.85 -5.37 8.13
C SER A 220 9.97 -4.13 7.94
N SER A 221 10.59 -3.03 7.57
CA SER A 221 9.91 -1.79 7.15
CA SER A 221 9.84 -1.78 7.24
C SER A 221 8.87 -2.05 6.06
N GLU A 222 9.22 -2.97 5.14
CA GLU A 222 8.36 -3.26 3.98
C GLU A 222 7.20 -4.14 4.42
N GLN A 223 7.40 -5.06 5.32
CA GLN A 223 6.29 -5.89 5.85
C GLN A 223 5.31 -4.96 6.54
N LEU A 224 5.71 -4.04 7.37
CA LEU A 224 4.84 -3.04 8.03
C LEU A 224 4.06 -2.28 6.97
N ALA A 225 4.73 -1.87 5.92
CA ALA A 225 4.08 -1.14 4.82
C ALA A 225 2.91 -1.96 4.29
N GLN A 226 3.04 -3.26 4.16
CA GLN A 226 1.94 -4.11 3.64
C GLN A 226 0.75 -3.96 4.58
N PHE A 227 0.92 -4.01 5.88
CA PHE A 227 -0.21 -3.82 6.83
C PHE A 227 -0.86 -2.46 6.58
N ARG A 228 -0.08 -1.40 6.40
CA ARG A 228 -0.60 -0.02 6.28
C ARG A 228 -1.23 0.21 4.91
N SER A 229 -1.01 -0.70 3.98
CA SER A 229 -1.64 -0.61 2.65
C SER A 229 -3.01 -1.29 2.64
N LEU A 230 -3.39 -1.98 3.70
CA LEU A 230 -4.78 -2.50 3.77
C LEU A 230 -5.66 -1.28 3.81
N LEU A 231 -6.89 -1.47 3.30
CA LEU A 231 -7.83 -0.32 3.20
C LEU A 231 -9.01 -0.49 4.17
N SER A 232 -9.33 0.62 4.80
CA SER A 232 -10.41 0.66 5.80
C SER A 232 -11.78 0.90 5.12
N ASN A 233 -11.78 1.33 3.87
CA ASN A 233 -13.03 1.62 3.14
C ASN A 233 -13.53 0.31 2.54
N VAL A 234 -14.81 0.38 2.13
CA VAL A 234 -15.40 -0.72 1.33
C VAL A 234 -15.02 -0.50 -0.14
N GLU A 235 -15.04 -1.59 -0.86
CA GLU A 235 -14.75 -1.57 -2.30
C GLU A 235 -15.56 -0.47 -2.98
N GLY A 236 -14.91 0.24 -3.92
CA GLY A 236 -15.58 1.26 -4.73
C GLY A 236 -15.56 2.64 -4.08
N ASP A 237 -15.33 2.74 -2.78
CA ASP A 237 -15.16 4.04 -2.12
C ASP A 237 -13.72 4.53 -2.27
N ASN A 238 -13.52 5.82 -1.94
CA ASN A 238 -12.21 6.47 -1.92
C ASN A 238 -11.33 5.68 -0.94
N ALA A 239 -10.13 5.36 -1.37
CA ALA A 239 -9.21 4.52 -0.60
C ALA A 239 -8.75 5.24 0.69
N VAL A 240 -8.83 4.55 1.81
CA VAL A 240 -8.40 5.12 3.10
C VAL A 240 -7.50 4.08 3.75
N PRO A 241 -6.19 4.16 3.54
CA PRO A 241 -5.31 3.16 4.16
C PRO A 241 -5.44 3.08 5.67
N MET A 242 -5.16 1.87 6.15
CA MET A 242 -5.18 1.56 7.61
C MET A 242 -3.84 1.98 8.19
N GLN A 243 -3.68 3.26 8.47
CA GLN A 243 -2.33 3.78 8.83
C GLN A 243 -1.92 3.35 10.22
N HIS A 244 -2.84 3.16 11.15
CA HIS A 244 -2.50 2.78 12.53
C HIS A 244 -3.69 2.23 13.29
N ASN A 245 -3.46 1.45 14.34
CA ASN A 245 -4.53 0.85 15.16
C ASN A 245 -4.01 0.47 16.56
N ASN A 246 -3.06 1.27 17.05
CA ASN A 246 -2.52 1.04 18.40
C ASN A 246 -3.07 2.03 19.41
N ARG A 247 -3.52 1.51 20.53
CA ARG A 247 -4.01 2.34 21.62
C ARG A 247 -2.83 2.84 22.43
N PRO A 248 -2.87 4.08 22.96
CA PRO A 248 -1.89 4.50 23.98
C PRO A 248 -1.92 3.64 25.22
N THR A 249 -0.80 3.59 25.94
CA THR A 249 -0.77 2.91 27.26
C THR A 249 -1.67 3.64 28.29
N GLN A 250 -2.16 2.86 29.23
CA GLN A 250 -3.17 3.25 30.18
C GLN A 250 -2.62 3.07 31.58
N PRO A 251 -3.14 3.84 32.56
CA PRO A 251 -2.63 3.80 33.93
C PRO A 251 -2.80 2.42 34.61
N LEU A 252 -1.76 1.98 35.30
CA LEU A 252 -1.81 0.66 35.99
C LEU A 252 -2.84 0.67 37.12
N LYS A 253 -3.05 1.81 37.80
CA LYS A 253 -4.12 1.91 38.84
C LYS A 253 -3.88 0.83 39.89
N GLY A 254 -2.63 0.65 40.28
CA GLY A 254 -2.21 -0.21 41.39
C GLY A 254 -2.10 -1.67 41.05
N ARG A 255 -2.32 -2.08 39.80
CA ARG A 255 -2.04 -3.46 39.37
C ARG A 255 -0.55 -3.75 39.45
N THR A 256 -0.27 -5.03 39.64
CA THR A 256 1.11 -5.60 39.66
C THR A 256 1.34 -6.39 38.37
N VAL A 257 2.41 -6.04 37.68
CA VAL A 257 2.90 -6.83 36.54
C VAL A 257 3.86 -7.86 37.11
N ARG A 258 3.54 -9.12 36.97
CA ARG A 258 4.36 -10.24 37.44
C ARG A 258 5.28 -10.69 36.31
N ALA A 259 6.48 -11.12 36.65
CA ALA A 259 7.48 -11.69 35.73
C ALA A 259 7.64 -13.18 35.99
N SER A 260 7.81 -13.98 34.95
CA SER A 260 8.05 -15.42 35.04
C SER A 260 9.56 -15.70 35.19
N PHE A 261 10.38 -14.67 35.11
CA PHE A 261 11.85 -14.76 34.94
C PHE A 261 12.48 -13.69 35.80
N ASP B 5 16.86 15.82 -5.18
CA ASP B 5 16.93 16.80 -6.28
C ASP B 5 15.48 17.26 -6.60
N TRP B 6 14.63 16.39 -7.15
CA TRP B 6 13.26 16.79 -7.58
C TRP B 6 12.28 15.70 -7.20
N GLY B 7 11.03 16.08 -6.98
CA GLY B 7 9.96 15.10 -6.72
C GLY B 7 8.65 15.79 -6.90
N TYR B 8 7.65 15.41 -6.12
CA TYR B 8 6.30 15.95 -6.22
C TYR B 8 5.85 16.54 -4.90
N ASP B 9 6.73 16.67 -3.90
CA ASP B 9 6.28 17.27 -2.63
C ASP B 9 6.39 18.81 -2.65
N ASP B 10 5.99 19.48 -1.57
CA ASP B 10 5.95 20.95 -1.56
C ASP B 10 7.36 21.52 -1.74
N LYS B 11 8.36 20.85 -1.21
CA LYS B 11 9.77 21.32 -1.16
C LYS B 11 10.43 21.13 -2.54
N ASN B 12 10.08 20.07 -3.27
CA ASN B 12 10.86 19.69 -4.48
C ASN B 12 9.99 19.43 -5.70
N GLY B 13 8.73 19.87 -5.63
CA GLY B 13 7.73 19.55 -6.64
C GLY B 13 7.65 20.57 -7.77
N PRO B 14 6.64 20.36 -8.64
CA PRO B 14 6.47 21.11 -9.89
C PRO B 14 6.62 22.62 -9.79
N GLU B 15 6.17 23.21 -8.68
CA GLU B 15 6.24 24.68 -8.55
C GLU B 15 7.68 25.14 -8.30
N GLN B 16 8.58 24.23 -7.90
CA GLN B 16 10.01 24.49 -7.58
C GLN B 16 10.92 24.03 -8.71
N TRP B 17 10.43 23.23 -9.66
CA TRP B 17 11.35 22.58 -10.60
C TRP B 17 12.19 23.59 -11.41
N SER B 18 11.71 24.78 -11.66
CA SER B 18 12.42 25.76 -12.54
C SER B 18 13.75 26.15 -11.91
N LYS B 19 13.90 26.01 -10.59
CA LYS B 19 15.21 26.42 -9.98
C LYS B 19 16.34 25.53 -10.55
N LEU B 20 16.12 24.23 -10.61
CA LEU B 20 17.14 23.27 -11.10
C LEU B 20 16.99 23.04 -12.62
N TYR B 21 15.80 23.27 -13.20
CA TYR B 21 15.49 22.97 -14.60
C TYR B 21 14.75 24.15 -15.17
N PRO B 22 15.48 25.21 -15.61
CA PRO B 22 14.84 26.44 -16.09
C PRO B 22 13.84 26.28 -17.24
N ILE B 23 14.03 25.22 -18.01
CA ILE B 23 13.14 24.91 -19.16
C ILE B 23 11.71 24.65 -18.65
N ALA B 24 11.52 24.42 -17.35
CA ALA B 24 10.16 24.20 -16.77
C ALA B 24 9.26 25.40 -17.14
N ASN B 25 9.85 26.59 -17.37
CA ASN B 25 9.09 27.80 -17.74
C ASN B 25 9.16 28.06 -19.25
N GLY B 26 9.47 27.04 -20.07
CA GLY B 26 9.60 27.12 -21.53
C GLY B 26 8.28 27.30 -22.24
N ASN B 27 8.38 27.36 -23.55
CA ASN B 27 7.27 27.65 -24.45
C ASN B 27 6.62 26.38 -24.96
N ASN B 28 7.18 25.22 -24.65
CA ASN B 28 6.66 23.95 -25.19
C ASN B 28 6.52 22.94 -24.04
N GLN B 29 6.00 23.36 -22.90
CA GLN B 29 5.92 22.47 -21.71
C GLN B 29 4.61 21.68 -21.70
N SER B 30 4.70 20.48 -21.12
CA SER B 30 3.60 19.51 -20.99
C SER B 30 3.38 19.16 -19.54
N PRO B 31 2.19 18.70 -19.10
CA PRO B 31 1.00 18.53 -19.96
C PRO B 31 0.28 19.86 -20.19
N VAL B 32 -0.80 19.78 -20.95
CA VAL B 32 -1.67 20.93 -21.29
C VAL B 32 -3.14 20.52 -21.13
N ASP B 33 -3.97 21.53 -20.99
CA ASP B 33 -5.44 21.33 -21.15
C ASP B 33 -5.75 21.41 -22.64
N ILE B 34 -6.53 20.47 -23.11
CA ILE B 34 -7.03 20.49 -24.50
C ILE B 34 -8.43 21.09 -24.50
N LYS B 35 -8.53 22.33 -24.96
CA LYS B 35 -9.82 23.06 -25.08
C LYS B 35 -10.38 22.64 -26.42
N THR B 36 -11.39 21.79 -26.44
CA THR B 36 -11.86 21.18 -27.71
C THR B 36 -12.41 22.25 -28.66
N SER B 37 -12.92 23.36 -28.15
CA SER B 37 -13.41 24.42 -29.08
C SER B 37 -12.28 25.06 -29.90
N GLU B 38 -11.02 24.91 -29.47
CA GLU B 38 -9.83 25.62 -30.04
C GLU B 38 -8.97 24.58 -30.81
N THR B 39 -9.37 23.31 -30.88
CA THR B 39 -8.57 22.31 -31.64
C THR B 39 -8.81 22.54 -33.12
N LYS B 40 -7.86 22.19 -33.95
CA LYS B 40 -7.91 22.39 -35.41
C LYS B 40 -7.81 21.02 -36.06
N HIS B 41 -8.75 20.65 -36.87
CA HIS B 41 -8.64 19.40 -37.65
C HIS B 41 -7.65 19.58 -38.79
N ASP B 42 -6.69 18.70 -38.87
CA ASP B 42 -5.60 18.71 -39.87
C ASP B 42 -5.71 17.48 -40.76
N THR B 43 -6.07 17.66 -42.02
CA THR B 43 -6.31 16.55 -42.96
C THR B 43 -5.04 15.74 -43.21
N SER B 44 -3.87 16.29 -42.90
CA SER B 44 -2.59 15.59 -43.13
C SER B 44 -2.28 14.55 -42.02
N LEU B 45 -3.07 14.54 -40.97
CA LEU B 45 -2.85 13.55 -39.89
C LEU B 45 -3.39 12.19 -40.27
N LYS B 46 -2.49 11.23 -40.42
CA LYS B 46 -2.89 9.87 -40.73
C LYS B 46 -3.35 9.17 -39.44
N PRO B 47 -4.00 8.02 -39.55
CA PRO B 47 -4.28 7.21 -38.40
C PRO B 47 -2.95 6.83 -37.76
N ILE B 48 -2.96 6.69 -36.43
CA ILE B 48 -1.76 6.11 -35.80
C ILE B 48 -1.81 4.57 -35.94
N SER B 49 -0.63 4.02 -36.16
CA SER B 49 -0.41 2.58 -36.30
C SER B 49 0.55 2.17 -35.17
N VAL B 50 0.12 1.25 -34.33
CA VAL B 50 1.07 0.70 -33.35
C VAL B 50 1.17 -0.80 -33.63
N SER B 51 2.41 -1.26 -33.72
CA SER B 51 2.65 -2.72 -33.81
C SER B 51 3.81 -3.03 -32.89
N TYR B 52 3.45 -3.62 -31.80
CA TYR B 52 4.45 -3.93 -30.79
C TYR B 52 4.57 -5.43 -30.74
N ASN B 53 5.81 -5.81 -30.60
CA ASN B 53 6.25 -7.22 -30.59
C ASN B 53 6.32 -7.52 -29.09
N PRO B 54 5.49 -8.42 -28.53
CA PRO B 54 5.45 -8.65 -27.07
C PRO B 54 6.77 -9.21 -26.51
N ALA B 55 7.64 -9.73 -27.38
CA ALA B 55 8.96 -10.24 -26.94
C ALA B 55 9.93 -9.08 -26.70
N THR B 56 9.53 -7.85 -26.95
CA THR B 56 10.39 -6.71 -26.61
C THR B 56 10.24 -6.33 -25.12
N ALA B 57 9.22 -6.76 -24.41
CA ALA B 57 9.04 -6.41 -22.99
C ALA B 57 10.29 -6.92 -22.23
N LYS B 58 10.87 -6.09 -21.36
CA LYS B 58 12.15 -6.44 -20.70
C LYS B 58 12.02 -6.41 -19.17
N GLU B 59 11.70 -5.26 -18.57
CA GLU B 59 11.96 -5.08 -17.13
C GLU B 59 11.02 -4.05 -16.53
N ILE B 60 10.62 -4.23 -15.28
CA ILE B 60 9.80 -3.26 -14.52
C ILE B 60 10.72 -2.76 -13.41
N ILE B 61 10.69 -1.48 -13.16
CA ILE B 61 11.61 -0.80 -12.22
C ILE B 61 10.91 0.28 -11.42
N ASN B 62 11.15 0.31 -10.13
CA ASN B 62 10.71 1.37 -9.25
C ASN B 62 11.71 2.52 -9.32
N VAL B 63 11.31 3.63 -9.86
CA VAL B 63 12.19 4.80 -10.07
C VAL B 63 11.97 5.87 -9.00
N GLY B 64 11.38 5.51 -7.87
CA GLY B 64 11.27 6.44 -6.75
C GLY B 64 10.05 7.32 -6.79
N HIS B 65 9.80 7.96 -7.91
CA HIS B 65 8.60 8.81 -8.06
C HIS B 65 7.48 8.08 -8.81
N SER B 66 7.82 6.98 -9.44
CA SER B 66 6.96 6.21 -10.33
C SER B 66 7.50 4.81 -10.52
N PHE B 67 6.93 4.07 -11.43
CA PHE B 67 7.53 2.80 -11.89
C PHE B 67 7.48 2.84 -13.40
N HIS B 68 8.40 2.20 -14.05
CA HIS B 68 8.52 2.14 -15.50
C HIS B 68 8.54 0.71 -15.95
N VAL B 69 7.88 0.45 -17.05
CA VAL B 69 8.01 -0.84 -17.78
C VAL B 69 8.82 -0.61 -19.04
N ASN B 70 10.04 -1.12 -19.07
CA ASN B 70 11.00 -0.88 -20.17
C ASN B 70 10.98 -2.03 -21.16
N PHE B 71 11.27 -1.65 -22.42
CA PHE B 71 11.33 -2.58 -23.57
C PHE B 71 12.73 -2.57 -24.17
N GLU B 72 13.12 -3.69 -24.76
CA GLU B 72 14.33 -3.77 -25.58
C GLU B 72 14.21 -2.80 -26.75
N ASP B 73 15.15 -1.88 -27.01
CA ASP B 73 15.00 -0.83 -28.05
C ASP B 73 16.19 -0.81 -29.02
N ASN B 74 16.85 -1.95 -29.21
CA ASN B 74 18.03 -2.04 -30.12
C ASN B 74 17.60 -2.13 -31.58
N ASP B 75 16.34 -2.45 -31.81
CA ASP B 75 15.83 -2.61 -33.19
C ASP B 75 14.39 -2.11 -33.30
N ASN B 76 13.85 -2.17 -34.53
CA ASN B 76 12.51 -1.62 -34.82
C ASN B 76 11.45 -2.70 -34.70
N ARG B 77 11.60 -3.74 -33.90
CA ARG B 77 10.50 -4.73 -33.68
C ARG B 77 9.16 -4.09 -33.25
N SER B 78 9.22 -3.11 -32.39
CA SER B 78 8.02 -2.43 -31.82
C SER B 78 8.05 -0.96 -32.17
N VAL B 79 7.10 -0.53 -33.04
CA VAL B 79 7.15 0.84 -33.56
C VAL B 79 5.74 1.44 -33.54
N LEU B 80 5.78 2.75 -33.47
CA LEU B 80 4.66 3.66 -33.72
C LEU B 80 4.95 4.33 -35.05
N LYS B 81 3.89 4.43 -35.86
CA LYS B 81 3.96 5.14 -37.16
C LYS B 81 2.65 5.85 -37.36
N GLY B 82 2.68 6.66 -38.39
CA GLY B 82 1.46 7.37 -38.81
C GLY B 82 1.21 8.61 -38.00
N GLY B 83 -0.06 9.01 -37.90
CA GLY B 83 -0.36 10.27 -37.18
C GLY B 83 0.38 11.41 -37.81
N PRO B 84 1.09 12.24 -37.01
CA PRO B 84 1.78 13.40 -37.55
C PRO B 84 3.19 13.06 -38.05
N PHE B 85 3.56 11.79 -38.03
CA PHE B 85 4.97 11.39 -38.22
C PHE B 85 5.22 10.91 -39.67
N SER B 86 6.41 11.16 -40.19
CA SER B 86 6.87 10.50 -41.45
C SER B 86 7.87 9.39 -41.10
N ASP B 87 8.41 9.46 -39.88
CA ASP B 87 9.45 8.55 -39.33
C ASP B 87 8.72 7.49 -38.49
N SER B 88 9.25 6.28 -38.36
CA SER B 88 8.81 5.31 -37.32
C SER B 88 9.55 5.65 -36.01
N TYR B 89 8.82 5.49 -34.93
CA TYR B 89 9.36 5.72 -33.55
C TYR B 89 9.33 4.40 -32.81
N ARG B 90 10.44 4.14 -32.16
CA ARG B 90 10.66 2.86 -31.47
C ARG B 90 10.17 2.89 -30.01
N LEU B 91 9.32 1.92 -29.67
CA LEU B 91 8.83 1.77 -28.29
C LEU B 91 10.01 1.57 -27.33
N PHE B 92 9.97 2.25 -26.20
CA PHE B 92 10.98 1.97 -25.17
C PHE B 92 10.38 1.81 -23.79
N GLN B 93 9.20 2.34 -23.49
CA GLN B 93 8.71 2.27 -22.09
C GLN B 93 7.23 2.55 -22.08
N PHE B 94 6.52 2.09 -21.08
CA PHE B 94 5.25 2.73 -20.63
C PHE B 94 5.24 2.91 -19.13
N HIS B 95 4.45 3.84 -18.67
CA HIS B 95 4.28 4.14 -17.26
C HIS B 95 2.98 4.86 -17.04
N PHE B 96 2.66 5.18 -15.82
CA PHE B 96 1.45 5.85 -15.40
C PHE B 96 1.76 7.08 -14.59
N HIS B 97 0.79 7.95 -14.50
CA HIS B 97 0.68 9.01 -13.49
C HIS B 97 -0.62 8.84 -12.74
N TRP B 98 -0.64 9.20 -11.49
CA TRP B 98 -1.81 9.18 -10.62
C TRP B 98 -1.73 10.34 -9.61
N GLY B 99 -2.83 10.56 -8.89
CA GLY B 99 -2.87 11.63 -7.93
C GLY B 99 -3.23 11.15 -6.54
N SER B 100 -3.31 12.08 -5.61
CA SER B 100 -3.51 11.67 -4.21
CA SER B 100 -3.53 11.76 -4.18
C SER B 100 -4.95 11.24 -3.96
N THR B 101 -5.88 11.69 -4.83
CA THR B 101 -7.30 11.30 -4.83
C THR B 101 -7.62 10.73 -6.21
N ASN B 102 -8.76 10.07 -6.27
CA ASN B 102 -9.30 9.69 -7.58
C ASN B 102 -9.80 10.88 -8.42
N GLU B 103 -9.99 12.07 -7.85
CA GLU B 103 -10.59 13.27 -8.57
C GLU B 103 -9.56 13.91 -9.52
N HIS B 104 -8.27 13.70 -9.31
CA HIS B 104 -7.23 14.34 -10.14
C HIS B 104 -5.98 13.57 -9.97
N GLY B 105 -5.74 12.80 -10.98
CA GLY B 105 -4.49 12.06 -11.13
C GLY B 105 -3.94 12.13 -12.55
N SER B 106 -4.73 12.56 -13.56
CA SER B 106 -4.17 12.69 -14.91
C SER B 106 -3.23 13.89 -14.97
N GLU B 107 -2.48 13.95 -16.07
CA GLU B 107 -1.63 15.08 -16.40
C GLU B 107 -2.38 15.96 -17.37
N HIS B 108 -2.68 15.46 -18.56
CA HIS B 108 -3.51 16.17 -19.51
C HIS B 108 -4.93 16.28 -18.94
N THR B 109 -5.61 17.36 -19.36
CA THR B 109 -7.03 17.56 -19.07
C THR B 109 -7.71 17.91 -20.37
N VAL B 110 -9.03 17.67 -20.40
CA VAL B 110 -9.84 18.00 -21.61
C VAL B 110 -10.99 18.90 -21.19
N ASP B 111 -10.99 20.11 -21.72
CA ASP B 111 -12.01 21.10 -21.32
C ASP B 111 -12.04 21.26 -19.79
N GLY B 112 -10.84 21.28 -19.20
CA GLY B 112 -10.62 21.47 -17.74
C GLY B 112 -10.97 20.26 -16.91
N VAL B 113 -11.36 19.14 -17.49
CA VAL B 113 -11.75 17.91 -16.77
C VAL B 113 -10.50 17.09 -16.52
N LYS B 114 -10.28 16.81 -15.27
CA LYS B 114 -9.16 15.99 -14.73
C LYS B 114 -9.65 14.57 -14.55
N TYR B 115 -8.89 13.64 -15.06
CA TYR B 115 -9.19 12.22 -14.93
C TYR B 115 -8.40 11.66 -13.74
N SER B 116 -8.62 10.38 -13.45
CA SER B 116 -8.07 9.74 -12.24
CA SER B 116 -8.06 9.77 -12.23
C SER B 116 -6.60 9.30 -12.41
N ALA B 117 -6.14 9.11 -13.63
CA ALA B 117 -4.76 8.64 -13.88
C ALA B 117 -4.52 8.80 -15.37
N GLU B 118 -3.32 8.54 -15.80
CA GLU B 118 -2.95 8.66 -17.21
C GLU B 118 -1.88 7.62 -17.52
N LEU B 119 -2.00 6.95 -18.65
CA LEU B 119 -1.04 6.02 -19.23
C LEU B 119 -0.20 6.76 -20.25
N HIS B 120 1.10 6.61 -20.20
CA HIS B 120 2.06 7.10 -21.19
C HIS B 120 2.80 5.96 -21.84
N VAL B 121 2.82 5.89 -23.15
CA VAL B 121 3.56 4.91 -23.96
C VAL B 121 4.57 5.67 -24.77
N ALA B 122 5.85 5.53 -24.44
CA ALA B 122 6.91 6.40 -24.93
C ALA B 122 7.79 5.70 -25.98
N HIS B 123 8.24 6.50 -26.95
CA HIS B 123 8.94 6.03 -28.14
C HIS B 123 10.01 7.06 -28.54
N TRP B 124 11.07 6.61 -29.22
CA TRP B 124 12.13 7.51 -29.72
C TRP B 124 12.38 7.36 -31.24
N ASN B 125 12.83 8.45 -31.84
CA ASN B 125 12.97 8.56 -33.31
C ASN B 125 14.20 7.78 -33.81
N SER B 126 14.00 6.53 -34.16
CA SER B 126 15.07 5.63 -34.69
C SER B 126 15.34 5.85 -36.16
N ALA B 127 14.53 6.67 -36.81
CA ALA B 127 14.88 7.06 -38.20
C ALA B 127 16.05 8.06 -38.22
N LYS B 128 16.04 9.06 -37.35
CA LYS B 128 16.97 10.23 -37.35
C LYS B 128 18.15 10.00 -36.41
N TYR B 129 17.90 9.34 -35.28
CA TYR B 129 18.86 9.17 -34.17
C TYR B 129 19.11 7.69 -33.97
N SER B 130 20.19 7.36 -33.25
CA SER B 130 20.72 5.99 -33.15
C SER B 130 20.51 5.51 -31.70
N SER B 131 19.98 6.30 -30.79
CA SER B 131 19.75 5.84 -29.38
C SER B 131 18.71 6.75 -28.69
N LEU B 132 18.18 6.26 -27.57
CA LEU B 132 17.32 7.08 -26.69
C LEU B 132 18.12 8.26 -26.16
N ALA B 133 19.34 7.99 -25.70
CA ALA B 133 20.16 9.04 -25.09
C ALA B 133 20.38 10.17 -26.10
N GLU B 134 20.60 9.83 -27.38
CA GLU B 134 20.80 10.85 -28.42
C GLU B 134 19.46 11.57 -28.67
N ALA B 135 18.36 10.83 -28.75
CA ALA B 135 17.08 11.37 -29.22
C ALA B 135 16.41 12.23 -28.14
N ALA B 136 16.64 11.92 -26.86
CA ALA B 136 15.78 12.45 -25.77
C ALA B 136 15.77 14.00 -25.72
N SER B 137 16.81 14.67 -26.18
CA SER B 137 16.94 16.14 -26.06
C SER B 137 16.61 16.84 -27.40
N LYS B 138 16.20 16.10 -28.41
CA LYS B 138 15.95 16.60 -29.78
C LYS B 138 14.47 16.96 -29.95
N ALA B 139 14.16 18.05 -30.65
CA ALA B 139 12.74 18.50 -30.80
C ALA B 139 11.86 17.43 -31.39
N ASP B 140 12.40 16.66 -32.29
CA ASP B 140 11.75 15.56 -33.01
C ASP B 140 12.14 14.19 -32.43
N GLY B 141 12.69 14.17 -31.20
CA GLY B 141 13.26 12.92 -30.70
C GLY B 141 12.28 11.90 -30.14
N LEU B 142 11.23 12.34 -29.45
CA LEU B 142 10.35 11.41 -28.69
C LEU B 142 8.90 11.59 -29.15
N ALA B 143 8.15 10.52 -28.96
CA ALA B 143 6.71 10.48 -29.22
C ALA B 143 6.03 9.74 -28.07
N VAL B 144 5.07 10.36 -27.41
CA VAL B 144 4.38 9.71 -26.30
C VAL B 144 2.88 9.68 -26.59
N ILE B 145 2.29 8.48 -26.46
CA ILE B 145 0.82 8.32 -26.48
C ILE B 145 0.33 8.45 -25.06
N GLY B 146 -0.63 9.34 -24.82
CA GLY B 146 -1.30 9.47 -23.54
C GLY B 146 -2.72 8.99 -23.62
N VAL B 147 -3.13 8.24 -22.61
CA VAL B 147 -4.50 7.70 -22.45
C VAL B 147 -5.02 8.11 -21.10
N LEU B 148 -6.11 8.85 -21.06
CA LEU B 148 -6.73 9.25 -19.82
C LEU B 148 -7.47 8.06 -19.22
N MET B 149 -7.36 7.93 -17.89
CA MET B 149 -7.95 6.79 -17.18
C MET B 149 -9.04 7.31 -16.23
N LYS B 150 -10.24 6.79 -16.42
CA LYS B 150 -11.45 7.22 -15.67
C LYS B 150 -11.83 6.20 -14.60
N VAL B 151 -11.88 6.66 -13.37
CA VAL B 151 -12.17 5.71 -12.26
C VAL B 151 -13.56 5.12 -12.45
N GLY B 152 -13.65 3.81 -12.28
CA GLY B 152 -14.89 3.06 -12.37
C GLY B 152 -14.65 1.60 -12.28
N GLU B 153 -15.00 0.80 -13.24
CA GLU B 153 -14.80 -0.66 -13.17
C GLU B 153 -13.33 -0.96 -13.27
N ALA B 154 -12.92 -2.01 -12.57
CA ALA B 154 -11.56 -2.55 -12.72
C ALA B 154 -11.25 -2.84 -14.16
N ASN B 155 -10.04 -2.50 -14.55
CA ASN B 155 -9.54 -2.75 -15.91
C ASN B 155 -8.72 -4.00 -15.89
N PRO B 156 -9.22 -5.12 -16.43
CA PRO B 156 -8.48 -6.38 -16.31
C PRO B 156 -7.15 -6.38 -17.10
N LYS B 157 -7.02 -5.48 -18.06
CA LYS B 157 -5.80 -5.36 -18.90
C LYS B 157 -4.61 -4.94 -18.05
N LEU B 158 -4.90 -4.26 -16.94
CA LEU B 158 -3.80 -3.83 -16.02
C LEU B 158 -3.25 -4.99 -15.16
N GLN B 159 -3.88 -6.15 -15.11
CA GLN B 159 -3.53 -7.16 -14.09
C GLN B 159 -2.04 -7.49 -14.12
N LYS B 160 -1.43 -7.84 -15.28
CA LYS B 160 0.00 -8.28 -15.34
C LYS B 160 0.85 -7.21 -14.66
N VAL B 161 0.58 -5.93 -14.91
CA VAL B 161 1.36 -4.83 -14.38
C VAL B 161 1.17 -4.77 -12.88
N LEU B 162 -0.06 -4.78 -12.40
CA LEU B 162 -0.35 -4.64 -10.96
C LEU B 162 0.20 -5.84 -10.18
N ASP B 163 0.18 -7.01 -10.78
CA ASP B 163 0.67 -8.25 -10.13
C ASP B 163 2.19 -8.16 -9.94
N ALA B 164 2.85 -7.40 -10.78
CA ALA B 164 4.33 -7.30 -10.82
C ALA B 164 4.82 -6.36 -9.73
N LEU B 165 3.98 -5.49 -9.22
CA LEU B 165 4.42 -4.41 -8.33
C LEU B 165 4.99 -4.97 -7.02
N GLN B 166 4.50 -6.11 -6.55
CA GLN B 166 4.96 -6.65 -5.25
C GLN B 166 6.45 -6.95 -5.32
N ALA B 167 7.06 -7.13 -6.49
CA ALA B 167 8.50 -7.47 -6.62
C ALA B 167 9.35 -6.19 -6.72
N ILE B 168 8.72 -5.02 -6.82
CA ILE B 168 9.48 -3.77 -6.98
C ILE B 168 9.01 -2.70 -6.00
N LYS B 169 8.78 -3.09 -4.71
CA LYS B 169 8.11 -2.19 -3.79
C LYS B 169 8.86 -0.90 -3.52
N THR B 170 10.22 -0.98 -3.45
CA THR B 170 11.05 0.16 -3.00
C THR B 170 11.92 0.68 -4.17
N LYS B 171 12.40 1.91 -3.96
CA LYS B 171 13.19 2.62 -4.98
C LYS B 171 14.40 1.77 -5.42
N GLY B 172 14.58 1.63 -6.71
CA GLY B 172 15.71 0.93 -7.30
C GLY B 172 15.46 -0.51 -7.55
N LYS B 173 14.41 -1.11 -6.93
CA LYS B 173 14.14 -2.53 -7.22
C LYS B 173 13.65 -2.71 -8.67
N ARG B 174 14.02 -3.85 -9.27
CA ARG B 174 13.66 -4.18 -10.66
C ARG B 174 13.44 -5.67 -10.81
N ALA B 175 12.67 -6.06 -11.80
CA ALA B 175 12.40 -7.47 -12.08
C ALA B 175 12.14 -7.65 -13.55
N PRO B 176 12.40 -8.86 -14.09
CA PRO B 176 12.00 -9.14 -15.45
C PRO B 176 10.50 -8.93 -15.63
N PHE B 177 10.17 -8.41 -16.78
CA PHE B 177 8.76 -8.21 -17.23
C PHE B 177 8.77 -8.52 -18.73
N THR B 178 8.18 -9.69 -19.09
CA THR B 178 8.37 -10.25 -20.46
C THR B 178 7.01 -10.57 -21.13
N ASN B 179 7.06 -10.69 -22.44
CA ASN B 179 5.92 -11.23 -23.20
C ASN B 179 4.68 -10.34 -22.92
N PHE B 180 4.75 -9.09 -23.35
CA PHE B 180 3.67 -8.13 -23.02
C PHE B 180 3.60 -7.06 -24.09
N ASP B 181 2.43 -7.00 -24.75
CA ASP B 181 2.14 -5.99 -25.82
C ASP B 181 1.34 -4.87 -25.16
N PRO B 182 1.90 -3.67 -24.96
CA PRO B 182 1.13 -2.63 -24.30
C PRO B 182 0.07 -1.98 -25.16
N SER B 183 0.03 -2.31 -26.44
CA SER B 183 -1.11 -1.81 -27.26
C SER B 183 -2.43 -2.36 -26.71
N THR B 184 -2.41 -3.45 -25.95
CA THR B 184 -3.56 -4.02 -25.27
C THR B 184 -4.17 -3.07 -24.26
N LEU B 185 -3.43 -2.04 -23.84
CA LEU B 185 -3.96 -1.09 -22.86
C LEU B 185 -4.64 0.11 -23.52
N LEU B 186 -4.50 0.26 -24.83
CA LEU B 186 -5.07 1.42 -25.53
C LEU B 186 -6.57 1.21 -25.69
N PRO B 187 -7.30 2.32 -25.88
CA PRO B 187 -8.72 2.23 -26.17
C PRO B 187 -8.96 1.64 -27.55
N SER B 188 -10.23 1.26 -27.79
CA SER B 188 -10.61 0.59 -29.07
C SER B 188 -10.37 1.53 -30.26
N SER B 189 -10.80 2.80 -30.13
CA SER B 189 -10.62 3.86 -31.13
C SER B 189 -9.32 4.61 -30.85
N LEU B 190 -8.52 4.90 -31.88
CA LEU B 190 -7.30 5.69 -31.72
C LEU B 190 -7.46 7.08 -32.35
N ASP B 191 -8.65 7.65 -32.39
CA ASP B 191 -8.80 9.10 -32.65
C ASP B 191 -7.94 9.85 -31.64
N PHE B 192 -7.32 10.92 -32.05
CA PHE B 192 -6.32 11.58 -31.18
C PHE B 192 -6.20 13.06 -31.47
N TRP B 193 -5.65 13.74 -30.49
CA TRP B 193 -5.13 15.10 -30.54
C TRP B 193 -3.61 15.03 -30.54
N THR B 194 -2.97 16.03 -31.11
CA THR B 194 -1.49 16.11 -31.09
C THR B 194 -1.03 17.52 -30.90
N TYR B 195 0.05 17.69 -30.17
CA TYR B 195 0.67 19.03 -30.00
C TYR B 195 2.14 18.81 -29.66
N PRO B 196 2.99 19.82 -29.92
CA PRO B 196 4.40 19.74 -29.58
C PRO B 196 4.61 20.14 -28.13
N GLY B 197 5.32 19.27 -27.40
CA GLY B 197 5.53 19.49 -25.97
C GLY B 197 6.82 18.93 -25.43
N SER B 198 6.73 18.48 -24.19
CA SER B 198 7.91 18.17 -23.36
C SER B 198 7.70 16.87 -22.59
N LEU B 199 8.79 16.40 -22.03
CA LEU B 199 8.69 15.46 -20.88
C LEU B 199 7.97 16.20 -19.74
N THR B 200 7.12 15.48 -19.01
CA THR B 200 6.31 16.09 -17.95
C THR B 200 7.01 16.09 -16.59
N HIS B 201 8.25 15.64 -16.51
CA HIS B 201 9.03 15.80 -15.29
C HIS B 201 10.46 15.99 -15.74
N PRO B 202 11.35 16.37 -14.79
CA PRO B 202 12.77 16.59 -15.12
C PRO B 202 13.31 15.38 -15.86
N PRO B 203 14.11 15.60 -16.94
CA PRO B 203 14.69 16.89 -17.29
C PRO B 203 13.86 17.81 -18.17
N LEU B 204 12.57 17.50 -18.41
CA LEU B 204 11.61 18.48 -18.99
C LEU B 204 11.99 18.89 -20.42
N TYR B 205 12.78 18.08 -21.12
CA TYR B 205 13.18 18.46 -22.47
C TYR B 205 11.94 18.63 -23.35
N GLU B 206 12.04 19.62 -24.25
CA GLU B 206 10.95 19.94 -25.19
C GLU B 206 11.16 19.11 -26.44
N SER B 207 11.06 17.81 -26.31
CA SER B 207 11.42 16.79 -27.30
C SER B 207 10.25 15.86 -27.67
N VAL B 208 9.06 16.16 -27.13
CA VAL B 208 7.96 15.17 -27.22
C VAL B 208 6.87 15.65 -28.19
N THR B 209 6.59 14.83 -29.17
CA THR B 209 5.31 15.00 -29.92
C THR B 209 4.28 14.15 -29.18
N TRP B 210 3.29 14.84 -28.61
CA TRP B 210 2.24 14.17 -27.83
C TRP B 210 1.12 13.69 -28.73
N ILE B 211 0.64 12.46 -28.47
CA ILE B 211 -0.55 11.88 -29.10
C ILE B 211 -1.50 11.56 -27.97
N ILE B 212 -2.56 12.38 -27.80
CA ILE B 212 -3.53 12.18 -26.71
C ILE B 212 -4.75 11.49 -27.26
N CYS B 213 -5.08 10.32 -26.82
CA CYS B 213 -6.28 9.60 -27.31
C CYS B 213 -7.53 10.37 -26.84
N LYS B 214 -8.50 10.45 -27.79
CA LYS B 214 -9.82 11.00 -27.47
C LYS B 214 -10.55 10.11 -26.45
N GLU B 215 -10.44 8.80 -26.61
CA GLU B 215 -11.14 7.84 -25.76
C GLU B 215 -10.32 7.51 -24.52
N SER B 216 -11.01 7.39 -23.40
CA SER B 216 -10.43 7.00 -22.11
C SER B 216 -10.55 5.50 -21.91
N ILE B 217 -9.78 4.99 -20.90
CA ILE B 217 -9.92 3.62 -20.41
C ILE B 217 -10.27 3.68 -18.93
N SER B 218 -10.72 2.52 -18.44
CA SER B 218 -11.13 2.45 -17.01
CA SER B 218 -11.14 2.41 -17.02
C SER B 218 -9.96 2.10 -16.08
N VAL B 219 -10.23 2.31 -14.81
CA VAL B 219 -9.38 1.82 -13.71
C VAL B 219 -10.27 1.83 -12.49
N SER B 220 -10.06 0.91 -11.57
CA SER B 220 -10.83 0.95 -10.32
C SER B 220 -10.12 1.74 -9.23
N SER B 221 -10.85 2.10 -8.21
CA SER B 221 -10.31 2.76 -7.00
C SER B 221 -9.22 1.90 -6.35
N GLU B 222 -9.43 0.60 -6.35
CA GLU B 222 -8.47 -0.30 -5.68
C GLU B 222 -7.24 -0.50 -6.55
N GLN B 223 -7.33 -0.45 -7.87
CA GLN B 223 -6.15 -0.52 -8.74
C GLN B 223 -5.31 0.74 -8.54
N LEU B 224 -5.92 1.89 -8.45
CA LEU B 224 -5.21 3.13 -8.14
C LEU B 224 -4.50 2.99 -6.80
N ALA B 225 -5.16 2.42 -5.79
CA ALA B 225 -4.53 2.31 -4.48
C ALA B 225 -3.31 1.39 -4.60
N GLN B 226 -3.25 0.42 -5.48
CA GLN B 226 -2.08 -0.42 -5.69
C GLN B 226 -0.90 0.46 -6.16
N PHE B 227 -1.14 1.35 -7.12
CA PHE B 227 -0.08 2.31 -7.51
C PHE B 227 0.44 3.09 -6.31
N ARG B 228 -0.44 3.57 -5.47
CA ARG B 228 -0.08 4.43 -4.34
C ARG B 228 0.54 3.61 -3.20
N SER B 229 0.50 2.31 -3.29
CA SER B 229 1.15 1.45 -2.27
C SER B 229 2.61 1.20 -2.65
N LEU B 230 3.04 1.61 -3.84
CA LEU B 230 4.49 1.58 -4.13
C LEU B 230 5.14 2.56 -3.18
N LEU B 231 6.42 2.30 -2.91
CA LEU B 231 7.21 3.11 -1.95
C LEU B 231 8.34 3.88 -2.67
N SER B 232 8.45 5.14 -2.27
CA SER B 232 9.46 6.06 -2.85
C SER B 232 10.82 5.91 -2.17
N ASN B 233 10.89 5.30 -1.02
CA ASN B 233 12.11 5.14 -0.20
C ASN B 233 12.86 3.89 -0.71
N VAL B 234 14.14 3.81 -0.34
CA VAL B 234 14.92 2.56 -0.55
C VAL B 234 14.59 1.57 0.58
N GLU B 235 14.84 0.31 0.26
CA GLU B 235 14.66 -0.81 1.20
C GLU B 235 15.29 -0.49 2.54
N GLY B 236 14.56 -0.78 3.58
CA GLY B 236 15.05 -0.69 4.96
C GLY B 236 14.66 0.60 5.59
N ASP B 237 14.55 1.65 4.81
CA ASP B 237 14.12 2.95 5.32
C ASP B 237 12.62 2.89 5.64
N ASN B 238 12.14 3.87 6.38
CA ASN B 238 10.69 3.92 6.67
C ASN B 238 9.89 4.13 5.39
N ALA B 239 8.82 3.38 5.32
CA ALA B 239 8.01 3.33 4.10
C ALA B 239 7.33 4.69 3.77
N VAL B 240 7.49 5.13 2.54
CA VAL B 240 6.85 6.44 2.18
C VAL B 240 6.07 6.17 0.89
N PRO B 241 4.74 6.08 0.97
CA PRO B 241 3.95 5.75 -0.22
C PRO B 241 4.14 6.79 -1.32
N MET B 242 4.03 6.33 -2.55
CA MET B 242 4.06 7.17 -3.78
C MET B 242 2.64 7.72 -4.02
N GLN B 243 2.24 8.76 -3.34
CA GLN B 243 0.83 9.21 -3.30
C GLN B 243 0.46 9.88 -4.60
N HIS B 244 1.38 10.50 -5.30
CA HIS B 244 1.01 11.23 -6.52
C HIS B 244 2.23 11.57 -7.34
N ASN B 245 2.04 11.71 -8.65
CA ASN B 245 3.17 12.07 -9.55
C ASN B 245 2.69 12.77 -10.81
N ASN B 246 1.65 13.58 -10.69
CA ASN B 246 1.10 14.31 -11.84
C ASN B 246 1.46 15.79 -11.80
N ARG B 247 1.98 16.28 -12.91
CA ARG B 247 2.31 17.71 -13.05
C ARG B 247 1.06 18.50 -13.40
N PRO B 248 0.86 19.72 -12.87
CA PRO B 248 -0.18 20.60 -13.39
C PRO B 248 -0.04 20.90 -14.88
N THR B 249 -1.15 21.28 -15.50
CA THR B 249 -1.13 21.76 -16.89
C THR B 249 -0.41 23.11 -16.98
N GLN B 250 0.28 23.26 -18.09
CA GLN B 250 1.21 24.36 -18.40
C GLN B 250 0.63 25.20 -19.53
N PRO B 251 1.04 26.48 -19.61
CA PRO B 251 0.49 27.37 -20.62
C PRO B 251 0.79 26.90 -22.04
N LEU B 252 -0.20 27.05 -22.90
CA LEU B 252 -0.09 26.62 -24.29
C LEU B 252 0.89 27.56 -25.03
N LYS B 253 0.97 28.84 -24.65
CA LYS B 253 1.93 29.81 -25.22
C LYS B 253 1.80 29.80 -26.75
N GLY B 254 0.57 29.76 -27.26
CA GLY B 254 0.34 29.88 -28.71
C GLY B 254 0.48 28.64 -29.54
N ARG B 255 0.81 27.52 -28.93
CA ARG B 255 0.75 26.23 -29.64
C ARG B 255 -0.70 25.96 -30.06
N THR B 256 -0.80 25.11 -31.08
CA THR B 256 -2.06 24.61 -31.59
C THR B 256 -2.17 23.12 -31.28
N VAL B 257 -3.29 22.70 -30.74
CA VAL B 257 -3.63 21.28 -30.56
C VAL B 257 -4.38 20.87 -31.82
N ARG B 258 -3.85 19.96 -32.58
CA ARG B 258 -4.51 19.44 -33.79
C ARG B 258 -5.35 18.22 -33.45
N ALA B 259 -6.43 18.05 -34.15
CA ALA B 259 -7.32 16.89 -34.02
C ALA B 259 -7.24 16.04 -35.26
N SER B 260 -7.25 14.73 -35.07
CA SER B 260 -7.35 13.73 -36.15
C SER B 260 -8.76 13.53 -36.70
N PHE B 261 -9.72 14.08 -35.96
CA PHE B 261 -11.14 13.75 -36.11
C PHE B 261 -11.96 15.03 -36.02
#